data_3L10
#
_entry.id   3L10
#
_cell.length_a   122.516
_cell.length_b   122.516
_cell.length_c   122.516
_cell.angle_alpha   90.000
_cell.angle_beta   90.000
_cell.angle_gamma   90.000
#
_symmetry.space_group_name_H-M   'P 21 3'
#
loop_
_entity.id
_entity.type
_entity.pdbx_description
1 polymer 'Proliferating cell nuclear antigen'
2 polymer 'Monoubiquitinated Proliferating cell nuclear antigen'
#
loop_
_entity_poly.entity_id
_entity_poly.type
_entity_poly.pdbx_seq_one_letter_code
_entity_poly.pdbx_strand_id
1 'polypeptide(L)'
;HHHHHHMLEAKFEEASLFKRIIDGFKDCVQLVNFQCKEDGIIAQAVDDSRVLLVSLEIGVEAFQEYRCDHPVTLGMDLTS
LSKILRCGNNTDTLTLIADNTPDSIILLFEDTKKDRIAEYSLKLMDIDADFLKIEELQYDSTLSLPSSEFSKIVRDLSQL
SDSINIMIT
;
A
2 'polypeptide(L)'
;MQIFVKTLTGKTITLEVESSDTIDNVKSKIQDKEGIPPDQQRLIFAGKQLEDGRTLSDYNIQKESTLHLVLRLRGGGGET
IKFVADGDIGSGSVIIKPFVDMEHPETSIKLEMDQPVDLTFGAKYLLDIIKGSSLSDRVGIRLSSEAPALFQFDLKSGFL
QFFLAPKFN
;
B
#
# COMPACT_ATOMS: atom_id res chain seq x y z
N MET A 7 -25.73 -9.52 1.90
CA MET A 7 -26.49 -8.43 1.20
C MET A 7 -25.64 -7.15 1.10
N LEU A 8 -24.75 -7.15 0.12
CA LEU A 8 -23.63 -6.22 0.07
C LEU A 8 -23.99 -4.94 -0.67
N GLU A 9 -23.71 -3.80 -0.04
CA GLU A 9 -23.75 -2.54 -0.73
C GLU A 9 -22.60 -1.68 -0.24
N ALA A 10 -21.64 -1.44 -1.14
CA ALA A 10 -20.34 -0.89 -0.79
C ALA A 10 -20.01 0.22 -1.76
N LYS A 11 -19.83 1.42 -1.21
CA LYS A 11 -19.72 2.60 -2.05
C LYS A 11 -18.39 3.32 -1.88
N PHE A 12 -17.55 3.19 -2.90
CA PHE A 12 -16.38 4.00 -3.08
C PHE A 12 -16.82 5.40 -3.46
N GLU A 13 -16.30 6.42 -2.78
CA GLU A 13 -16.54 7.82 -3.19
C GLU A 13 -15.94 8.16 -4.55
N GLU A 14 -14.92 7.40 -4.97
CA GLU A 14 -14.31 7.62 -6.26
C GLU A 14 -13.81 6.33 -6.88
N ALA A 15 -14.31 6.04 -8.08
CA ALA A 15 -14.04 4.77 -8.73
C ALA A 15 -12.58 4.62 -9.09
N SER A 16 -11.84 5.72 -9.10
CA SER A 16 -10.39 5.67 -9.33
C SER A 16 -9.72 4.64 -8.43
N LEU A 17 -10.10 4.69 -7.14
CA LEU A 17 -9.39 3.92 -6.15
C LEU A 17 -9.42 2.47 -6.52
N PHE A 18 -10.63 1.93 -6.53
CA PHE A 18 -10.83 0.55 -6.84
C PHE A 18 -10.27 0.20 -8.20
N LYS A 19 -10.33 1.15 -9.14
CA LYS A 19 -9.76 0.95 -10.46
C LYS A 19 -8.28 0.71 -10.28
N ARG A 20 -7.64 1.51 -9.43
CA ARG A 20 -6.23 1.35 -9.13
C ARG A 20 -5.91 -0.01 -8.50
N ILE A 21 -6.66 -0.35 -7.47
CA ILE A 21 -6.36 -1.53 -6.73
C ILE A 21 -6.40 -2.71 -7.67
N ILE A 22 -7.30 -2.70 -8.64
CA ILE A 22 -7.43 -3.88 -9.48
C ILE A 22 -6.31 -3.94 -10.48
N ASP A 23 -5.73 -2.77 -10.76
CA ASP A 23 -4.53 -2.76 -11.57
C ASP A 23 -3.53 -3.74 -10.97
N GLY A 24 -3.27 -3.60 -9.68
CA GLY A 24 -2.33 -4.46 -8.97
C GLY A 24 -2.46 -5.95 -9.29
N PHE A 25 -3.68 -6.43 -9.45
CA PHE A 25 -3.88 -7.83 -9.71
C PHE A 25 -3.72 -8.16 -11.18
N LYS A 26 -4.29 -7.29 -12.02
CA LYS A 26 -4.23 -7.44 -13.45
C LYS A 26 -2.73 -7.56 -13.71
N ASP A 27 -2.37 -8.16 -14.85
CA ASP A 27 -0.95 -8.20 -15.25
C ASP A 27 -0.23 -9.40 -14.65
N CYS A 28 -0.69 -9.84 -13.49
CA CYS A 28 -0.10 -11.03 -12.91
C CYS A 28 -1.00 -12.03 -12.21
N VAL A 29 -2.31 -11.86 -12.27
CA VAL A 29 -3.18 -12.95 -11.81
C VAL A 29 -4.52 -12.96 -12.53
N GLN A 30 -4.93 -14.12 -13.02
CA GLN A 30 -6.18 -14.23 -13.77
C GLN A 30 -7.39 -14.01 -12.87
N LEU A 31 -7.48 -14.81 -11.81
CA LEU A 31 -8.70 -14.89 -11.02
C LEU A 31 -8.45 -14.49 -9.57
N VAL A 32 -9.52 -14.10 -8.87
CA VAL A 32 -9.44 -13.76 -7.46
C VAL A 32 -10.78 -13.92 -6.78
N ASN A 33 -10.79 -14.67 -5.67
CA ASN A 33 -11.88 -14.59 -4.70
C ASN A 33 -11.90 -13.26 -3.95
N PHE A 34 -13.07 -12.64 -3.88
CA PHE A 34 -13.30 -11.53 -2.97
C PHE A 34 -14.15 -11.96 -1.77
N GLN A 35 -13.59 -11.85 -0.58
CA GLN A 35 -14.34 -12.11 0.65
C GLN A 35 -14.84 -10.82 1.27
N CYS A 36 -16.15 -10.61 1.23
CA CYS A 36 -16.77 -9.46 1.85
C CYS A 36 -17.28 -9.85 3.21
N LYS A 37 -17.05 -8.95 4.15
CA LYS A 37 -17.31 -9.23 5.52
C LYS A 37 -17.90 -7.98 6.11
N GLU A 38 -18.52 -8.06 7.28
CA GLU A 38 -19.02 -6.88 7.99
C GLU A 38 -17.96 -5.85 8.32
N ASP A 39 -16.69 -6.25 8.34
CA ASP A 39 -15.62 -5.31 8.59
C ASP A 39 -14.81 -5.01 7.34
N GLY A 40 -15.37 -5.34 6.18
CA GLY A 40 -14.86 -4.82 4.92
C GLY A 40 -14.47 -5.92 3.95
N ILE A 41 -13.72 -5.56 2.92
CA ILE A 41 -13.31 -6.51 1.89
C ILE A 41 -11.88 -6.97 2.10
N ILE A 42 -11.63 -8.24 1.80
CA ILE A 42 -10.27 -8.72 1.58
C ILE A 42 -10.22 -9.72 0.42
N ALA A 43 -9.05 -9.86 -0.18
CA ALA A 43 -8.92 -10.58 -1.45
C ALA A 43 -7.55 -11.24 -1.57
N GLN A 44 -7.54 -12.47 -2.07
CA GLN A 44 -6.30 -13.21 -2.26
C GLN A 44 -6.25 -13.86 -3.64
N ALA A 45 -5.08 -13.81 -4.27
CA ALA A 45 -4.86 -14.52 -5.52
C ALA A 45 -3.39 -14.91 -5.68
N VAL A 46 -3.15 -16.09 -6.23
CA VAL A 46 -1.81 -16.64 -6.33
C VAL A 46 -1.48 -16.61 -7.80
N ASP A 47 -0.25 -16.33 -8.18
CA ASP A 47 0.01 -16.26 -9.61
C ASP A 47 0.07 -17.69 -10.09
N ASP A 48 0.32 -17.90 -11.37
CA ASP A 48 0.23 -19.24 -11.90
C ASP A 48 1.33 -20.17 -11.58
N SER A 49 2.48 -19.60 -11.32
CA SER A 49 3.66 -20.41 -11.08
C SER A 49 3.81 -20.65 -9.59
N ARG A 50 2.74 -20.33 -8.85
CA ARG A 50 2.79 -20.28 -7.40
C ARG A 50 4.07 -19.67 -6.77
N VAL A 51 4.65 -18.65 -7.42
CA VAL A 51 5.70 -17.85 -6.75
C VAL A 51 5.24 -16.47 -6.19
N LEU A 52 4.06 -15.99 -6.60
CA LEU A 52 3.63 -14.67 -6.25
C LEU A 52 2.20 -14.72 -5.71
N LEU A 53 1.98 -14.06 -4.58
CA LEU A 53 0.68 -14.04 -3.98
C LEU A 53 0.32 -12.60 -3.83
N VAL A 54 -0.89 -12.25 -4.22
CA VAL A 54 -1.31 -10.88 -4.14
C VAL A 54 -2.34 -10.91 -3.05
N SER A 55 -2.26 -9.97 -2.12
CA SER A 55 -3.23 -9.96 -1.04
C SER A 55 -3.71 -8.59 -0.70
N LEU A 56 -5.00 -8.44 -0.54
CA LEU A 56 -5.58 -7.13 -0.49
C LEU A 56 -6.49 -7.03 0.69
N GLU A 57 -6.37 -5.92 1.42
CA GLU A 57 -7.26 -5.66 2.56
C GLU A 57 -7.82 -4.25 2.52
N ILE A 58 -9.12 -4.15 2.54
CA ILE A 58 -9.72 -2.83 2.50
C ILE A 58 -10.72 -2.74 3.63
N GLY A 59 -10.57 -1.69 4.43
CA GLY A 59 -11.38 -1.53 5.63
C GLY A 59 -12.61 -0.66 5.39
N VAL A 60 -13.54 -0.69 6.34
CA VAL A 60 -14.76 0.10 6.24
C VAL A 60 -14.44 1.57 5.99
N GLU A 61 -13.35 2.04 6.59
CA GLU A 61 -13.03 3.47 6.58
C GLU A 61 -12.59 3.91 5.19
N ALA A 62 -12.40 2.95 4.29
CA ALA A 62 -11.95 3.24 2.94
C ALA A 62 -13.10 3.48 1.98
N PHE A 63 -14.30 3.07 2.35
CA PHE A 63 -15.46 3.40 1.54
C PHE A 63 -16.17 4.64 2.03
N GLN A 64 -16.90 5.30 1.14
CA GLN A 64 -17.77 6.38 1.56
C GLN A 64 -18.81 5.76 2.47
N GLU A 65 -19.44 4.69 2.01
CA GLU A 65 -20.36 3.92 2.83
C GLU A 65 -20.08 2.46 2.58
N TYR A 66 -20.38 1.61 3.54
CA TYR A 66 -20.15 0.20 3.41
C TYR A 66 -21.18 -0.44 4.25
N ARG A 67 -21.80 -1.48 3.74
CA ARG A 67 -22.73 -2.24 4.52
C ARG A 67 -22.73 -3.64 3.98
N CYS A 68 -22.51 -4.60 4.87
CA CYS A 68 -22.47 -6.00 4.49
C CYS A 68 -22.71 -6.84 5.71
N ASP A 69 -23.95 -7.18 5.92
CA ASP A 69 -24.33 -7.84 7.15
C ASP A 69 -24.14 -9.35 7.11
N HIS A 70 -23.38 -9.82 6.12
CA HIS A 70 -23.22 -11.24 5.94
C HIS A 70 -22.11 -11.52 5.00
N PRO A 71 -21.11 -12.27 5.46
CA PRO A 71 -19.99 -12.68 4.60
C PRO A 71 -20.47 -13.19 3.25
N VAL A 72 -19.92 -12.64 2.17
CA VAL A 72 -20.14 -13.18 0.84
C VAL A 72 -18.83 -13.25 0.04
N THR A 73 -18.64 -14.36 -0.66
CA THR A 73 -17.46 -14.53 -1.51
C THR A 73 -17.81 -14.30 -2.98
N LEU A 74 -17.00 -13.47 -3.64
CA LEU A 74 -17.08 -13.33 -5.10
C LEU A 74 -15.72 -13.54 -5.76
N GLY A 75 -15.53 -14.73 -6.33
CA GLY A 75 -14.48 -14.93 -7.31
C GLY A 75 -14.89 -14.43 -8.69
N MET A 76 -14.02 -13.61 -9.29
CA MET A 76 -14.35 -12.92 -10.53
C MET A 76 -13.19 -12.98 -11.52
N ASP A 77 -13.52 -13.10 -12.80
CA ASP A 77 -12.54 -12.88 -13.86
C ASP A 77 -12.04 -11.44 -13.87
N LEU A 78 -10.76 -11.26 -13.59
CA LEU A 78 -10.17 -9.94 -13.50
C LEU A 78 -10.20 -9.24 -14.82
N THR A 79 -9.87 -9.98 -15.88
CA THR A 79 -9.89 -9.34 -17.17
C THR A 79 -11.29 -8.87 -17.48
N SER A 80 -12.29 -9.65 -17.11
CA SER A 80 -13.67 -9.20 -17.28
C SER A 80 -13.89 -7.97 -16.44
N LEU A 81 -13.51 -8.04 -15.17
CA LEU A 81 -13.88 -7.00 -14.26
C LEU A 81 -13.23 -5.71 -14.61
N SER A 82 -12.04 -5.76 -15.19
CA SER A 82 -11.36 -4.50 -15.48
C SER A 82 -12.07 -3.79 -16.61
N LYS A 83 -12.41 -4.55 -17.67
CA LYS A 83 -13.22 -3.99 -18.75
C LYS A 83 -14.25 -3.16 -18.06
N ILE A 84 -15.05 -3.77 -17.22
CA ILE A 84 -16.18 -3.06 -16.65
C ILE A 84 -15.70 -1.83 -15.95
N LEU A 85 -14.44 -1.83 -15.58
CA LEU A 85 -13.93 -0.74 -14.80
C LEU A 85 -13.44 0.45 -15.63
N ARG A 86 -13.27 0.23 -16.95
CA ARG A 86 -13.00 1.32 -17.89
C ARG A 86 -14.19 2.24 -18.01
N CYS A 87 -15.37 1.78 -17.64
CA CYS A 87 -16.53 2.64 -17.73
C CYS A 87 -16.43 3.69 -16.64
N GLY A 88 -15.21 3.83 -16.10
CA GLY A 88 -14.97 4.38 -14.76
C GLY A 88 -14.87 5.90 -14.71
N ASN A 89 -14.09 6.47 -15.64
CA ASN A 89 -13.96 7.94 -15.78
C ASN A 89 -13.19 8.55 -14.59
N ASN A 90 -13.06 7.76 -13.50
CA ASN A 90 -12.09 7.90 -12.40
C ASN A 90 -12.52 8.67 -11.13
N THR A 91 -13.55 9.50 -11.24
CA THR A 91 -13.96 10.28 -10.08
C THR A 91 -15.47 10.10 -9.94
N ASP A 92 -15.99 9.03 -10.52
CA ASP A 92 -17.41 8.75 -10.36
C ASP A 92 -17.58 7.90 -9.10
N THR A 93 -18.79 7.87 -8.57
CA THR A 93 -19.08 7.10 -7.39
C THR A 93 -19.43 5.65 -7.74
N LEU A 94 -18.45 4.78 -7.58
CA LEU A 94 -18.65 3.36 -7.78
C LEU A 94 -19.32 2.69 -6.60
N THR A 95 -20.14 1.70 -6.87
CA THR A 95 -20.86 1.03 -5.84
C THR A 95 -21.09 -0.41 -6.19
N LEU A 96 -20.53 -1.30 -5.38
CA LEU A 96 -20.73 -2.72 -5.56
C LEU A 96 -21.94 -3.14 -4.79
N ILE A 97 -22.73 -4.04 -5.36
CA ILE A 97 -23.95 -4.54 -4.71
C ILE A 97 -24.16 -6.02 -4.95
N ALA A 98 -24.57 -6.76 -3.91
CA ALA A 98 -24.83 -8.20 -4.04
C ALA A 98 -25.91 -8.74 -3.09
N ASP A 99 -26.48 -9.90 -3.46
CA ASP A 99 -27.57 -10.51 -2.71
C ASP A 99 -27.10 -11.73 -1.94
N ASN A 100 -28.04 -12.35 -1.22
CA ASN A 100 -27.74 -13.47 -0.33
C ASN A 100 -26.94 -14.59 -1.00
N THR A 101 -27.48 -15.21 -2.04
CA THR A 101 -26.61 -16.04 -2.84
C THR A 101 -26.47 -15.35 -4.16
N PRO A 102 -25.26 -14.88 -4.44
CA PRO A 102 -24.98 -14.03 -5.59
C PRO A 102 -24.60 -14.84 -6.80
N ASP A 103 -25.21 -14.47 -7.93
CA ASP A 103 -24.83 -14.97 -9.26
C ASP A 103 -24.17 -13.86 -10.11
N SER A 104 -24.58 -12.62 -9.86
CA SER A 104 -23.99 -11.45 -10.47
C SER A 104 -23.72 -10.43 -9.37
N ILE A 105 -22.58 -9.78 -9.42
CA ILE A 105 -22.39 -8.58 -8.63
C ILE A 105 -22.71 -7.42 -9.54
N ILE A 106 -23.43 -6.45 -8.99
CA ILE A 106 -23.75 -5.27 -9.74
C ILE A 106 -22.80 -4.17 -9.36
N LEU A 107 -22.25 -3.53 -10.40
CA LEU A 107 -21.48 -2.31 -10.26
C LEU A 107 -22.25 -1.08 -10.71
N LEU A 108 -22.17 -0.01 -9.93
CA LEU A 108 -23.01 1.16 -10.16
C LEU A 108 -22.31 2.49 -10.00
N PHE A 109 -22.04 3.09 -11.15
CA PHE A 109 -21.43 4.42 -11.24
C PHE A 109 -22.44 5.56 -11.38
N GLU A 110 -22.24 6.61 -10.58
CA GLU A 110 -22.80 7.92 -10.88
C GLU A 110 -21.94 8.99 -10.19
N ASP A 111 -22.14 10.24 -10.59
CA ASP A 111 -21.01 11.16 -10.46
C ASP A 111 -21.38 12.37 -9.61
N THR A 112 -21.75 13.46 -10.27
CA THR A 112 -21.85 14.75 -9.61
C THR A 112 -23.23 14.94 -8.96
N LYS A 113 -24.27 14.94 -9.79
CA LYS A 113 -25.64 14.89 -9.28
C LYS A 113 -26.38 13.67 -9.82
N LYS A 114 -27.63 13.87 -10.21
CA LYS A 114 -28.35 12.88 -11.02
C LYS A 114 -27.81 12.88 -12.45
N ASP A 115 -26.74 13.65 -12.63
CA ASP A 115 -26.05 13.81 -13.92
C ASP A 115 -26.11 12.55 -14.83
N ARG A 116 -25.44 11.47 -14.41
CA ARG A 116 -25.46 10.22 -15.17
C ARG A 116 -25.45 8.99 -14.24
N ILE A 117 -26.05 7.88 -14.70
CA ILE A 117 -26.08 6.63 -13.94
C ILE A 117 -26.01 5.37 -14.80
N ALA A 118 -25.15 4.43 -14.41
CA ALA A 118 -24.82 3.31 -15.26
C ALA A 118 -24.67 2.05 -14.46
N GLU A 119 -25.60 1.14 -14.67
CA GLU A 119 -25.68 -0.11 -13.97
C GLU A 119 -24.99 -1.18 -14.79
N TYR A 120 -24.04 -1.87 -14.17
CA TYR A 120 -23.37 -3.00 -14.80
C TYR A 120 -23.48 -4.26 -13.95
N SER A 121 -23.50 -5.42 -14.60
CA SER A 121 -23.44 -6.69 -13.89
C SER A 121 -22.25 -7.52 -14.35
N LEU A 122 -21.48 -8.02 -13.39
CA LEU A 122 -20.48 -9.05 -13.67
C LEU A 122 -20.94 -10.41 -13.14
N LYS A 123 -21.03 -11.39 -14.02
CA LYS A 123 -21.44 -12.71 -13.65
C LYS A 123 -20.28 -13.37 -12.92
N LEU A 124 -20.54 -13.89 -11.73
CA LEU A 124 -19.51 -14.49 -10.87
C LEU A 124 -19.24 -15.95 -11.19
N MET A 125 -18.03 -16.39 -10.92
CA MET A 125 -17.65 -17.78 -11.13
C MET A 125 -17.23 -18.51 -9.85
N ASP A 126 -17.45 -19.82 -9.83
CA ASP A 126 -16.98 -20.65 -8.72
C ASP A 126 -15.46 -20.85 -8.75
N ILE A 127 -14.78 -20.24 -7.77
CA ILE A 127 -13.34 -20.37 -7.57
C ILE A 127 -13.09 -20.99 -6.19
N ASP A 128 -12.27 -22.05 -6.10
CA ASP A 128 -12.11 -22.68 -4.78
C ASP A 128 -11.18 -21.92 -3.83
N ALA A 129 -11.72 -21.65 -2.64
CA ALA A 129 -11.09 -20.81 -1.62
C ALA A 129 -10.02 -21.54 -0.83
N ASP A 130 -8.76 -21.27 -1.17
CA ASP A 130 -7.63 -21.86 -0.45
C ASP A 130 -6.77 -20.72 0.05
N PHE A 131 -7.26 -20.00 1.04
CA PHE A 131 -6.53 -18.83 1.55
C PHE A 131 -5.24 -19.17 2.27
N LEU A 132 -4.22 -18.43 1.92
CA LEU A 132 -2.90 -18.64 2.43
C LEU A 132 -2.62 -17.64 3.50
N LYS A 133 -1.83 -18.05 4.49
CA LYS A 133 -1.50 -17.20 5.64
C LYS A 133 0.00 -17.23 5.89
N ILE A 134 0.74 -16.62 4.97
CA ILE A 134 2.12 -16.93 4.76
C ILE A 134 3.09 -15.93 5.37
N GLU A 135 2.58 -14.84 5.90
CA GLU A 135 3.44 -13.82 6.53
C GLU A 135 4.06 -14.29 7.83
N GLU A 136 5.34 -14.01 7.95
CA GLU A 136 6.09 -14.39 9.12
C GLU A 136 6.02 -13.30 10.19
N LEU A 137 6.39 -13.71 11.41
CA LEU A 137 6.55 -12.81 12.53
C LEU A 137 7.83 -12.04 12.31
N GLN A 138 8.93 -12.75 12.08
CA GLN A 138 10.19 -12.05 11.97
C GLN A 138 10.80 -12.16 10.60
N TYR A 139 11.24 -11.04 10.06
CA TYR A 139 12.02 -11.03 8.81
C TYR A 139 13.45 -10.51 9.06
N ASP A 140 14.43 -11.13 8.39
CA ASP A 140 15.83 -10.73 8.44
C ASP A 140 16.07 -9.25 8.36
N SER A 141 15.24 -8.54 7.59
CA SER A 141 15.49 -7.14 7.30
C SER A 141 14.21 -6.43 6.87
N THR A 142 14.16 -5.13 7.12
CA THR A 142 12.98 -4.33 6.77
C THR A 142 13.37 -2.93 6.33
N LEU A 143 12.88 -2.52 5.17
CA LEU A 143 13.14 -1.17 4.65
C LEU A 143 11.91 -0.58 3.98
N SER A 144 11.77 0.73 4.08
CA SER A 144 10.76 1.44 3.34
C SER A 144 11.46 2.54 2.64
N LEU A 145 10.91 2.97 1.52
CA LEU A 145 11.52 3.96 0.68
C LEU A 145 10.43 4.45 -0.29
N PRO A 146 10.55 5.66 -0.84
CA PRO A 146 9.59 6.16 -1.80
C PRO A 146 9.23 5.17 -2.89
N SER A 147 7.94 5.02 -3.14
CA SER A 147 7.48 3.90 -3.95
C SER A 147 7.90 4.01 -5.39
N SER A 148 8.19 5.23 -5.82
CA SER A 148 8.55 5.50 -7.22
C SER A 148 10.06 5.47 -7.35
N GLU A 149 10.75 5.70 -6.25
CA GLU A 149 12.17 5.41 -6.25
C GLU A 149 12.30 3.92 -6.57
N PHE A 150 11.61 3.10 -5.79
CA PHE A 150 11.70 1.68 -5.97
C PHE A 150 11.30 1.44 -7.41
N SER A 151 10.27 2.16 -7.79
CA SER A 151 9.68 1.92 -9.05
C SER A 151 10.75 2.07 -10.14
N LYS A 152 11.60 3.08 -9.95
CA LYS A 152 12.62 3.47 -10.91
C LYS A 152 13.71 2.45 -10.97
N ILE A 153 14.20 2.09 -9.80
CA ILE A 153 15.21 1.05 -9.71
C ILE A 153 14.75 -0.22 -10.43
N VAL A 154 13.66 -0.83 -9.95
CA VAL A 154 13.26 -2.06 -10.60
C VAL A 154 13.23 -1.85 -12.13
N ARG A 155 12.67 -0.70 -12.53
CA ARG A 155 12.47 -0.42 -13.95
C ARG A 155 13.76 -0.41 -14.80
N ASP A 156 14.75 0.36 -14.35
CA ASP A 156 16.10 0.37 -14.94
C ASP A 156 16.73 -1.04 -14.99
N LEU A 157 17.00 -1.63 -13.83
CA LEU A 157 17.72 -2.89 -13.83
C LEU A 157 16.99 -4.02 -14.61
N SER A 158 15.68 -3.89 -14.86
CA SER A 158 14.99 -4.89 -15.68
C SER A 158 15.47 -4.90 -17.13
N GLN A 159 16.24 -3.88 -17.51
CA GLN A 159 16.64 -3.71 -18.90
C GLN A 159 17.83 -4.63 -19.20
N LEU A 160 18.66 -4.80 -18.15
CA LEU A 160 19.90 -5.50 -18.22
C LEU A 160 19.77 -6.98 -17.98
N SER A 161 18.80 -7.39 -17.18
CA SER A 161 18.82 -8.74 -16.60
C SER A 161 17.46 -9.23 -16.19
N ASP A 162 17.25 -10.53 -16.33
CA ASP A 162 16.03 -11.17 -15.89
C ASP A 162 15.95 -11.29 -14.38
N SER A 163 17.05 -11.04 -13.71
CA SER A 163 17.13 -11.34 -12.31
C SER A 163 17.83 -10.24 -11.58
N ILE A 164 17.04 -9.46 -10.89
CA ILE A 164 17.57 -8.46 -9.99
C ILE A 164 17.83 -9.18 -8.70
N ASN A 165 18.91 -8.80 -8.01
CA ASN A 165 19.22 -9.38 -6.72
C ASN A 165 19.51 -8.31 -5.66
N ILE A 166 18.94 -8.50 -4.47
CA ILE A 166 18.98 -7.47 -3.44
C ILE A 166 19.95 -7.86 -2.32
N MET A 167 20.68 -6.87 -1.80
CA MET A 167 21.66 -7.11 -0.76
C MET A 167 21.61 -6.03 0.31
N ILE A 168 21.47 -6.45 1.56
CA ILE A 168 21.44 -5.52 2.69
C ILE A 168 22.51 -5.93 3.66
N THR A 169 23.17 -4.95 4.27
CA THR A 169 24.36 -5.19 5.11
C THR A 169 24.59 -4.16 6.18
N MET B 1 -9.30 22.43 13.29
CA MET B 1 -9.03 22.25 11.83
C MET B 1 -8.39 20.87 11.55
N GLN B 2 -8.11 20.56 10.29
CA GLN B 2 -7.35 19.33 9.95
C GLN B 2 -5.93 19.58 9.44
N ILE B 3 -5.03 18.64 9.75
CA ILE B 3 -3.69 18.66 9.20
C ILE B 3 -3.41 17.32 8.54
N PHE B 4 -2.33 17.29 7.77
CA PHE B 4 -1.79 16.03 7.29
C PHE B 4 -0.56 15.66 8.12
N VAL B 5 -0.47 14.39 8.57
CA VAL B 5 0.73 13.92 9.29
C VAL B 5 1.40 12.73 8.56
N LYS B 6 2.54 12.99 7.93
CA LYS B 6 3.17 11.98 7.06
C LYS B 6 4.31 11.20 7.71
N THR B 7 4.11 9.89 7.83
CA THR B 7 5.12 8.96 8.36
C THR B 7 5.98 8.43 7.23
N LEU B 8 7.12 7.85 7.61
CA LEU B 8 8.08 7.39 6.62
C LEU B 8 7.77 5.95 6.15
N THR B 9 6.49 5.62 5.93
CA THR B 9 6.17 4.41 5.15
C THR B 9 5.07 4.59 4.10
N GLY B 10 4.82 5.84 3.72
CA GLY B 10 3.83 6.17 2.68
C GLY B 10 2.49 6.52 3.30
N LYS B 11 2.36 6.16 4.57
CA LYS B 11 1.17 6.46 5.35
C LYS B 11 1.01 7.96 5.52
N THR B 12 -0.23 8.41 5.26
CA THR B 12 -0.66 9.77 5.56
C THR B 12 -1.87 9.61 6.48
N ILE B 13 -1.67 9.74 7.80
CA ILE B 13 -2.79 9.63 8.74
C ILE B 13 -3.42 11.02 8.85
N THR B 14 -4.74 11.08 9.11
CA THR B 14 -5.40 12.38 9.30
C THR B 14 -5.45 12.76 10.79
N LEU B 15 -5.43 14.07 11.06
CA LEU B 15 -5.39 14.56 12.43
C LEU B 15 -5.93 16.00 12.62
N GLU B 16 -6.81 16.14 13.62
CA GLU B 16 -7.56 17.37 13.87
C GLU B 16 -7.23 17.91 15.27
N VAL B 17 -7.05 19.23 15.39
CA VAL B 17 -6.65 19.87 16.66
C VAL B 17 -6.95 21.37 16.76
N GLU B 18 -6.25 22.04 17.68
CA GLU B 18 -6.42 23.47 17.91
C GLU B 18 -5.05 24.11 18.12
N SER B 19 -4.82 25.29 17.49
CA SER B 19 -3.58 26.02 17.66
C SER B 19 -3.08 25.93 19.11
N SER B 20 -3.94 26.33 20.05
CA SER B 20 -3.63 26.18 21.46
C SER B 20 -3.08 24.79 21.75
N ASP B 21 -3.49 23.82 20.92
CA ASP B 21 -3.05 22.41 21.05
C ASP B 21 -1.51 22.24 21.05
N THR B 22 -0.94 21.79 22.16
CA THR B 22 0.53 21.84 22.33
C THR B 22 1.24 20.73 21.56
N ILE B 23 2.55 20.87 21.39
CA ILE B 23 3.42 19.87 20.75
C ILE B 23 3.54 18.56 21.59
N ASP B 24 3.12 18.60 22.88
CA ASP B 24 3.11 17.40 23.71
C ASP B 24 1.81 16.62 23.53
N ASN B 25 0.74 17.30 23.14
CA ASN B 25 -0.56 16.70 22.97
C ASN B 25 -0.75 16.10 21.58
N VAL B 26 -0.32 16.83 20.55
CA VAL B 26 -0.39 16.32 19.17
C VAL B 26 0.24 14.92 19.09
N LYS B 27 1.50 14.84 19.50
CA LYS B 27 2.31 13.64 19.38
C LYS B 27 1.78 12.48 20.24
N SER B 28 1.15 12.81 21.38
CA SER B 28 0.45 11.81 22.17
C SER B 28 -0.75 11.25 21.42
N LYS B 29 -1.59 12.16 20.86
CA LYS B 29 -2.66 11.76 19.93
C LYS B 29 -2.15 10.73 18.90
N ILE B 30 -1.26 11.17 18.01
CA ILE B 30 -0.70 10.28 16.99
C ILE B 30 -0.45 8.82 17.44
N GLN B 31 0.32 8.68 18.52
CA GLN B 31 0.57 7.39 19.17
C GLN B 31 -0.75 6.67 19.44
N ASP B 32 -1.83 7.47 19.52
CA ASP B 32 -3.13 6.96 19.95
C ASP B 32 -3.93 6.32 18.80
N LYS B 33 -3.35 6.23 17.62
CA LYS B 33 -4.01 5.54 16.49
C LYS B 33 -3.03 4.90 15.51
N GLU B 34 -1.72 4.93 15.80
CA GLU B 34 -0.74 4.29 14.90
C GLU B 34 0.39 3.57 15.62
N GLY B 35 0.20 3.32 16.92
CA GLY B 35 1.10 2.41 17.65
C GLY B 35 2.41 2.98 18.16
N ILE B 36 2.99 3.91 17.39
CA ILE B 36 4.25 4.55 17.79
C ILE B 36 4.01 5.46 19.01
N PRO B 37 4.68 5.18 20.14
CA PRO B 37 4.70 6.17 21.23
C PRO B 37 5.51 7.39 20.78
N PRO B 38 5.19 8.59 21.33
CA PRO B 38 5.71 9.86 20.78
C PRO B 38 7.20 10.07 21.04
N ASP B 39 7.73 9.32 22.00
CA ASP B 39 9.16 9.19 22.24
C ASP B 39 9.87 8.87 20.91
N GLN B 40 9.41 7.80 20.25
CA GLN B 40 9.90 7.44 18.92
C GLN B 40 9.52 8.50 17.86
N GLN B 41 8.82 9.54 18.30
CA GLN B 41 8.27 10.53 17.38
C GLN B 41 9.08 11.84 17.36
N ARG B 42 9.40 12.26 16.13
CA ARG B 42 9.88 13.60 15.90
C ARG B 42 8.92 14.15 14.86
N LEU B 43 8.41 15.35 15.09
CA LEU B 43 7.85 16.12 14.00
C LEU B 43 8.87 17.17 13.61
N ILE B 44 8.87 17.55 12.33
CA ILE B 44 9.55 18.74 11.87
C ILE B 44 8.64 19.44 10.87
N PHE B 45 8.39 20.73 11.11
CA PHE B 45 7.75 21.57 10.09
C PHE B 45 8.75 22.66 9.69
N ALA B 46 8.76 23.02 8.41
CA ALA B 46 9.69 24.05 7.92
C ALA B 46 11.11 23.82 8.49
N GLY B 47 11.57 22.57 8.39
CA GLY B 47 12.90 22.20 8.85
C GLY B 47 13.08 22.39 10.33
N LYS B 48 12.23 23.23 10.95
CA LYS B 48 12.28 23.38 12.39
C LYS B 48 11.71 22.13 13.07
N GLN B 49 12.54 21.46 13.87
CA GLN B 49 12.04 20.44 14.74
C GLN B 49 11.15 21.21 15.73
N LEU B 50 9.95 20.68 15.98
CA LEU B 50 9.07 21.27 16.99
C LEU B 50 9.48 20.80 18.39
N GLU B 51 9.10 21.56 19.41
CA GLU B 51 9.47 21.20 20.78
C GLU B 51 8.23 20.99 21.64
N ASP B 52 8.36 20.13 22.65
CA ASP B 52 7.20 19.63 23.41
C ASP B 52 6.48 20.69 24.25
N GLY B 53 7.10 21.88 24.36
CA GLY B 53 6.53 22.99 25.13
C GLY B 53 5.88 24.10 24.31
N ARG B 54 6.42 24.34 23.12
CA ARG B 54 5.91 25.42 22.27
C ARG B 54 4.49 25.18 21.73
N THR B 55 3.96 26.17 21.04
CA THR B 55 2.56 26.16 20.64
C THR B 55 2.37 26.17 19.12
N LEU B 56 1.43 25.35 18.63
CA LEU B 56 1.18 25.20 17.19
C LEU B 56 1.14 26.53 16.40
N SER B 57 0.59 27.56 17.03
CA SER B 57 0.55 28.87 16.40
C SER B 57 1.90 29.55 16.54
N ASP B 58 2.59 29.29 17.66
CA ASP B 58 4.01 29.67 17.81
C ASP B 58 4.74 29.34 16.48
N TYR B 59 4.69 28.07 16.09
CA TYR B 59 5.25 27.62 14.83
C TYR B 59 4.36 28.03 13.62
N ASN B 60 3.47 29.00 13.85
CA ASN B 60 2.63 29.59 12.78
C ASN B 60 1.71 28.60 12.06
N ILE B 61 1.55 27.39 12.59
CA ILE B 61 0.75 26.37 11.88
C ILE B 61 -0.73 26.75 11.71
N GLN B 62 -1.26 26.57 10.49
CA GLN B 62 -2.69 26.76 10.19
C GLN B 62 -3.25 25.44 9.64
N LYS B 63 -4.48 25.49 9.16
CA LYS B 63 -5.21 24.32 8.63
C LYS B 63 -4.84 23.83 7.22
N GLU B 64 -5.01 22.52 6.97
CA GLU B 64 -4.65 21.92 5.68
C GLU B 64 -3.13 21.86 5.50
N SER B 65 -2.38 22.01 6.60
CA SER B 65 -0.91 21.97 6.54
C SER B 65 -0.42 20.52 6.46
N THR B 66 0.89 20.37 6.27
CA THR B 66 1.54 19.05 6.20
C THR B 66 2.76 18.99 7.14
N LEU B 67 2.63 18.21 8.22
CA LEU B 67 3.77 17.97 9.12
C LEU B 67 4.51 16.66 8.79
N HIS B 68 5.82 16.69 8.97
CA HIS B 68 6.62 15.49 8.81
C HIS B 68 6.82 14.86 10.19
N LEU B 69 6.53 13.57 10.30
CA LEU B 69 6.80 12.81 11.51
C LEU B 69 7.95 11.82 11.30
N VAL B 70 8.86 11.77 12.27
CA VAL B 70 10.07 10.96 12.11
C VAL B 70 10.08 9.82 13.12
N LEU B 71 10.95 8.85 12.87
CA LEU B 71 11.11 7.68 13.74
C LEU B 71 12.47 7.72 14.46
N ARG B 72 12.40 7.72 15.79
CA ARG B 72 13.61 7.81 16.61
C ARG B 72 13.75 6.42 17.27
N LEU B 73 14.69 5.64 16.74
CA LEU B 73 14.96 4.29 17.21
C LEU B 73 15.89 4.38 18.43
N ARG B 74 15.49 3.77 19.53
CA ARG B 74 16.41 3.46 20.62
C ARG B 74 17.16 2.16 20.36
N GLY B 75 18.23 2.22 19.59
CA GLY B 75 18.94 1.04 19.15
C GLY B 75 20.27 1.36 18.50
N GLU B 79 23.70 -0.71 6.99
CA GLU B 79 24.11 0.51 6.34
C GLU B 79 23.80 0.63 4.87
N THR B 80 23.89 -0.47 4.14
CA THR B 80 23.99 -0.43 2.69
C THR B 80 23.00 -1.39 2.04
N ILE B 81 21.90 -0.83 1.54
CA ILE B 81 21.03 -1.55 0.62
C ILE B 81 21.57 -1.50 -0.81
N LYS B 82 21.78 -2.67 -1.40
CA LYS B 82 22.31 -2.76 -2.76
C LYS B 82 21.37 -3.51 -3.68
N PHE B 83 21.14 -2.96 -4.86
CA PHE B 83 20.36 -3.64 -5.89
C PHE B 83 21.24 -3.80 -7.07
N VAL B 84 21.34 -5.02 -7.59
CA VAL B 84 22.18 -5.29 -8.74
C VAL B 84 21.45 -6.16 -9.76
N ALA B 85 21.70 -5.90 -11.04
CA ALA B 85 21.23 -6.78 -12.11
C ALA B 85 22.30 -6.96 -13.19
N ASP B 86 22.58 -8.23 -13.52
CA ASP B 86 23.86 -8.58 -14.11
C ASP B 86 23.70 -9.79 -15.04
N GLY B 87 24.07 -9.62 -16.29
CA GLY B 87 23.63 -10.51 -17.35
C GLY B 87 24.49 -10.41 -18.60
N ASP B 88 23.87 -10.56 -19.75
CA ASP B 88 24.60 -10.77 -21.00
C ASP B 88 25.26 -9.49 -21.48
N ILE B 89 24.47 -8.42 -21.59
CA ILE B 89 24.93 -7.19 -22.23
C ILE B 89 25.78 -6.36 -21.27
N GLY B 90 25.55 -6.54 -19.98
CA GLY B 90 26.25 -5.78 -18.96
C GLY B 90 25.67 -5.98 -17.58
N SER B 91 25.70 -4.93 -16.76
CA SER B 91 25.40 -5.05 -15.36
C SER B 91 24.98 -3.71 -14.77
N GLY B 92 24.07 -3.74 -13.81
CA GLY B 92 23.56 -2.51 -13.17
C GLY B 92 23.77 -2.53 -11.68
N SER B 93 23.84 -1.34 -11.04
CA SER B 93 23.98 -1.26 -9.60
C SER B 93 23.51 0.07 -8.98
N VAL B 94 22.54 -0.05 -8.10
CA VAL B 94 22.05 1.11 -7.40
C VAL B 94 22.31 0.82 -5.92
N ILE B 95 22.90 1.78 -5.25
CA ILE B 95 23.27 1.57 -3.88
C ILE B 95 22.55 2.63 -3.07
N ILE B 96 21.78 2.22 -2.06
CA ILE B 96 21.12 3.20 -1.24
C ILE B 96 21.42 3.01 0.26
N LYS B 97 21.31 4.11 1.00
CA LYS B 97 21.66 4.13 2.40
C LYS B 97 20.53 4.80 3.17
N PRO B 98 20.27 4.33 4.40
CA PRO B 98 19.20 4.92 5.20
C PRO B 98 19.50 6.38 5.61
N PHE B 99 18.61 7.31 5.28
CA PHE B 99 18.78 8.68 5.73
C PHE B 99 17.44 9.28 6.11
N VAL B 100 17.47 10.51 6.64
CA VAL B 100 16.22 11.28 6.80
C VAL B 100 16.32 12.61 6.08
N ASP B 101 15.35 12.88 5.20
CA ASP B 101 15.28 14.17 4.53
C ASP B 101 14.65 15.21 5.43
N MET B 102 15.07 16.46 5.27
CA MET B 102 14.56 17.56 6.07
C MET B 102 13.48 18.41 5.43
N GLU B 103 13.67 18.77 4.16
CA GLU B 103 12.72 19.63 3.45
C GLU B 103 11.47 18.85 3.23
N HIS B 104 11.65 17.62 2.76
CA HIS B 104 10.54 16.71 2.58
C HIS B 104 10.91 15.29 2.90
N PRO B 105 10.93 14.96 4.20
CA PRO B 105 11.16 13.63 4.74
C PRO B 105 10.41 12.45 4.12
N GLU B 106 9.27 12.69 3.46
CA GLU B 106 8.55 11.55 2.84
C GLU B 106 9.44 10.85 1.81
N THR B 107 10.59 11.45 1.53
CA THR B 107 11.56 10.81 0.68
C THR B 107 12.57 9.93 1.45
N SER B 108 12.52 9.93 2.78
CA SER B 108 13.49 9.22 3.62
C SER B 108 13.54 7.70 3.49
N ILE B 109 14.71 7.12 3.68
CA ILE B 109 14.87 5.69 3.60
C ILE B 109 15.01 5.13 5.01
N LYS B 110 14.03 4.34 5.44
CA LYS B 110 14.14 3.65 6.71
C LYS B 110 14.68 2.27 6.46
N LEU B 111 15.41 1.75 7.46
CA LEU B 111 15.95 0.41 7.44
C LEU B 111 16.23 -0.07 8.85
N GLU B 112 15.73 -1.26 9.16
CA GLU B 112 16.17 -1.99 10.32
C GLU B 112 16.65 -3.27 9.75
N MET B 113 17.86 -3.63 10.12
CA MET B 113 18.47 -4.85 9.65
C MET B 113 18.71 -5.76 10.83
N ASP B 114 18.15 -6.97 10.77
CA ASP B 114 18.34 -7.94 11.84
C ASP B 114 19.47 -8.90 11.46
N GLN B 115 19.52 -9.26 10.19
CA GLN B 115 20.66 -9.95 9.64
C GLN B 115 20.87 -9.34 8.25
N PRO B 116 22.13 -9.34 7.74
CA PRO B 116 22.36 -9.12 6.33
C PRO B 116 21.58 -10.12 5.46
N VAL B 117 21.05 -9.63 4.34
CA VAL B 117 20.31 -10.47 3.43
C VAL B 117 20.88 -10.38 2.01
N ASP B 118 20.85 -11.50 1.29
CA ASP B 118 21.43 -11.57 -0.05
C ASP B 118 20.59 -12.44 -0.97
N LEU B 119 19.65 -11.81 -1.66
CA LEU B 119 18.54 -12.54 -2.31
C LEU B 119 18.29 -12.11 -3.73
N THR B 120 17.81 -13.02 -4.56
CA THR B 120 17.56 -12.71 -5.97
C THR B 120 16.13 -13.00 -6.38
N PHE B 121 15.59 -12.13 -7.20
CA PHE B 121 14.22 -12.25 -7.57
C PHE B 121 14.07 -12.00 -9.07
N GLY B 122 13.12 -12.72 -9.66
CA GLY B 122 12.74 -12.58 -11.06
C GLY B 122 12.23 -11.17 -11.26
N ALA B 123 12.62 -10.58 -12.39
CA ALA B 123 12.35 -9.16 -12.67
C ALA B 123 10.91 -8.96 -13.20
N LYS B 124 10.44 -9.96 -13.93
CA LYS B 124 9.09 -9.90 -14.40
C LYS B 124 8.12 -9.78 -13.23
N TYR B 125 8.52 -10.37 -12.12
CA TYR B 125 7.71 -10.34 -10.93
C TYR B 125 7.76 -8.98 -10.28
N LEU B 126 8.94 -8.38 -10.32
CA LEU B 126 9.11 -7.13 -9.66
C LEU B 126 8.43 -6.08 -10.44
N LEU B 127 8.32 -6.32 -11.75
CA LEU B 127 7.74 -5.36 -12.68
C LEU B 127 6.27 -5.29 -12.46
N ASP B 128 5.64 -6.46 -12.31
CA ASP B 128 4.27 -6.50 -11.82
C ASP B 128 4.10 -5.75 -10.48
N ILE B 129 5.04 -5.90 -9.57
CA ILE B 129 4.86 -5.50 -8.21
C ILE B 129 4.86 -3.99 -8.11
N ILE B 130 5.83 -3.34 -8.74
CA ILE B 130 5.94 -1.87 -8.67
C ILE B 130 4.70 -1.07 -9.13
N LYS B 131 3.78 -1.72 -9.81
CA LYS B 131 2.52 -1.11 -10.19
C LYS B 131 1.80 -0.52 -8.97
N GLY B 132 1.89 -1.20 -7.83
CA GLY B 132 1.37 -0.65 -6.59
C GLY B 132 1.88 0.72 -6.18
N SER B 133 2.81 1.31 -6.93
CA SER B 133 3.23 2.70 -6.69
C SER B 133 2.05 3.66 -6.70
N SER B 134 1.07 3.32 -7.52
CA SER B 134 0.00 4.20 -7.83
C SER B 134 -0.96 4.23 -6.70
N LEU B 135 -0.74 3.43 -5.67
CA LEU B 135 -1.61 3.47 -4.51
C LEU B 135 -1.00 4.13 -3.29
N SER B 136 0.33 4.19 -3.23
CA SER B 136 0.97 4.75 -2.07
C SER B 136 2.31 5.44 -2.39
N ASP B 137 2.60 6.54 -1.69
CA ASP B 137 3.83 7.28 -1.86
C ASP B 137 4.94 6.33 -1.57
N ARG B 138 4.76 5.54 -0.52
CA ARG B 138 5.85 4.74 -0.04
C ARG B 138 5.58 3.24 -0.09
N VAL B 139 6.65 2.44 -0.01
CA VAL B 139 6.51 1.00 -0.01
C VAL B 139 7.37 0.41 1.06
N GLY B 140 6.81 -0.58 1.75
CA GLY B 140 7.54 -1.31 2.79
C GLY B 140 7.98 -2.59 2.14
N ILE B 141 9.11 -3.14 2.59
CA ILE B 141 9.74 -4.27 1.94
C ILE B 141 10.36 -5.07 3.03
N ARG B 142 10.07 -6.36 3.02
CA ARG B 142 10.55 -7.23 4.08
C ARG B 142 11.21 -8.46 3.51
N LEU B 143 12.45 -8.70 3.87
CA LEU B 143 13.23 -9.75 3.25
C LEU B 143 13.70 -10.73 4.28
N SER B 144 13.89 -11.97 3.84
CA SER B 144 14.26 -13.02 4.72
C SER B 144 14.78 -14.18 3.93
N SER B 145 15.70 -14.94 4.50
CA SER B 145 16.21 -16.11 3.81
C SER B 145 15.25 -17.24 4.05
N GLU B 146 14.44 -17.13 5.09
CA GLU B 146 13.61 -18.25 5.44
C GLU B 146 12.21 -18.21 4.89
N ALA B 147 11.87 -17.19 4.07
CA ALA B 147 10.49 -16.99 3.61
C ALA B 147 10.36 -15.97 2.49
N PRO B 148 9.27 -16.05 1.70
CA PRO B 148 8.96 -15.06 0.69
C PRO B 148 8.99 -13.66 1.22
N ALA B 149 9.61 -12.81 0.42
CA ALA B 149 9.78 -11.42 0.68
C ALA B 149 8.45 -10.73 0.57
N LEU B 150 8.15 -9.86 1.51
CA LEU B 150 6.94 -9.03 1.45
C LEU B 150 7.14 -7.59 0.86
N PHE B 151 6.26 -7.20 -0.05
CA PHE B 151 6.26 -5.82 -0.53
C PHE B 151 4.91 -5.24 -0.23
N GLN B 152 4.82 -4.02 0.25
CA GLN B 152 3.54 -3.55 0.74
C GLN B 152 3.29 -2.07 0.66
N PHE B 153 2.21 -1.75 -0.03
CA PHE B 153 1.71 -0.41 -0.16
C PHE B 153 0.51 -0.30 0.76
N ASP B 154 0.48 0.76 1.58
CA ASP B 154 -0.66 0.98 2.45
C ASP B 154 -1.66 1.91 1.85
N LEU B 155 -2.93 1.58 2.07
CA LEU B 155 -4.04 2.43 1.70
C LEU B 155 -4.43 3.21 2.94
N LYS B 156 -5.22 4.28 2.72
CA LYS B 156 -6.06 4.86 3.77
C LYS B 156 -6.90 3.66 4.23
N SER B 157 -6.76 3.32 5.52
CA SER B 157 -7.32 2.07 6.03
C SER B 157 -7.32 0.81 5.16
N GLY B 158 -6.13 0.24 4.97
CA GLY B 158 -6.02 -1.14 4.51
C GLY B 158 -4.71 -1.25 3.78
N PHE B 159 -4.63 -2.10 2.78
CA PHE B 159 -3.33 -2.30 2.19
C PHE B 159 -3.42 -3.23 1.00
N LEU B 160 -2.31 -3.33 0.30
CA LEU B 160 -2.16 -4.23 -0.84
C LEU B 160 -0.81 -4.92 -0.67
N GLN B 161 -0.78 -6.23 -0.63
CA GLN B 161 0.49 -6.94 -0.38
C GLN B 161 0.95 -7.90 -1.45
N PHE B 162 2.25 -7.92 -1.69
CA PHE B 162 2.85 -8.88 -2.61
C PHE B 162 3.88 -9.74 -1.96
N PHE B 163 3.57 -11.02 -1.77
CA PHE B 163 4.57 -12.01 -1.38
C PHE B 163 5.23 -12.63 -2.60
N LEU B 164 6.56 -12.58 -2.65
CA LEU B 164 7.31 -13.10 -3.78
C LEU B 164 8.49 -13.94 -3.31
N ALA B 165 8.49 -15.21 -3.69
CA ALA B 165 9.58 -16.12 -3.34
C ALA B 165 10.84 -15.79 -4.12
N PRO B 166 11.96 -15.68 -3.42
CA PRO B 166 13.28 -15.63 -4.06
C PRO B 166 13.55 -16.86 -4.91
N LYS B 167 14.54 -16.78 -5.80
CA LYS B 167 15.01 -17.92 -6.51
C LYS B 167 16.02 -18.67 -5.67
N PHE B 168 16.13 -19.99 -5.90
CA PHE B 168 17.13 -20.83 -5.19
C PHE B 168 18.51 -20.75 -5.86
N ASN B 169 18.53 -21.05 -7.17
CA ASN B 169 19.67 -20.84 -8.12
C ASN B 169 19.12 -20.34 -9.46
#